data_9EYT
#
_entry.id   9EYT
#
_cell.length_a   56.31
_cell.length_b   56.31
_cell.length_c   254.6
_cell.angle_alpha   90
_cell.angle_beta   90
_cell.angle_gamma   90
#
_symmetry.space_group_name_H-M   'P 43 21 2'
#
loop_
_entity.id
_entity.type
_entity.pdbx_description
1 polymer 'Clathrin heavy chain'
2 polymer Epsin-1
3 water water
#
loop_
_entity_poly.entity_id
_entity_poly.type
_entity_poly.pdbx_seq_one_letter_code
_entity_poly.pdbx_strand_id
1 'polypeptide(L)'
;GAMAMSDLPIEFTELVDLMSLGISPQFLDFRSTTFESDHFVTVRETKDGTNSVAIVDLAKGNEVTRKNMGGDSAIMHPSQ
MVISVRANGTIVQIFNLETKSKLKSFTLDEPVIFWRWLSETTLGFVTARSILTSNVFDGNVNAKPQLLTLRHANLNNTQI
INFVANKNLDWFAVVGILQENGRIAGRIQLFSKQRNISQAIDGHVAIFTNILLEGNGSTPVQVFVTGNRNATTGAGELRI
IEIDHDASLPSQYQKETTDIFFPPDATNDFPIAVQVSEKYGIIYLLTKYGFIHLYELETGTNLFVNRITAESVFTAAPYN
HENGIACINKKGQVLAVEISTSQIVPYILNKLSNVALALIVATRGGLPGADDL
;
A
2 'polypeptide(L)' GYTLIDL E,G,M
#
# COMPACT_ATOMS: atom_id res chain seq x y z
N MET A 5 6.26 -12.41 24.61
CA MET A 5 7.54 -13.01 24.15
C MET A 5 8.50 -11.86 23.87
N SER A 6 9.57 -11.76 24.67
CA SER A 6 10.36 -10.54 24.79
C SER A 6 11.53 -10.48 23.81
N ASP A 7 11.69 -11.51 22.97
CA ASP A 7 12.79 -11.56 22.01
C ASP A 7 12.35 -10.97 20.67
N LEU A 8 11.04 -11.06 20.39
CA LEU A 8 10.47 -10.71 19.10
C LEU A 8 10.95 -9.32 18.68
N PRO A 9 11.40 -9.16 17.43
CA PRO A 9 11.84 -7.86 16.93
C PRO A 9 10.69 -6.91 16.53
N ILE A 10 9.43 -7.36 16.70
CA ILE A 10 8.25 -6.60 16.30
C ILE A 10 7.27 -6.53 17.47
N GLU A 11 6.40 -5.52 17.39
CA GLU A 11 5.17 -5.45 18.16
C GLU A 11 3.97 -5.72 17.25
N PHE A 12 3.13 -6.65 17.71
CA PHE A 12 1.93 -7.07 16.98
C PHE A 12 0.72 -6.70 17.81
N THR A 13 -0.27 -6.04 17.20
CA THR A 13 -1.41 -5.44 17.88
C THR A 13 -2.66 -5.68 17.05
N GLU A 14 -3.80 -5.72 17.72
CA GLU A 14 -5.10 -5.62 17.05
C GLU A 14 -5.60 -4.20 17.29
N LEU A 15 -5.77 -3.40 16.23
CA LEU A 15 -6.24 -2.03 16.37
C LEU A 15 -7.72 -2.02 16.71
N VAL A 16 -8.49 -2.93 16.09
CA VAL A 16 -9.92 -2.99 16.35
C VAL A 16 -10.43 -4.26 15.69
N ASP A 17 -11.50 -4.81 16.25
CA ASP A 17 -12.22 -5.85 15.58
C ASP A 17 -13.50 -5.25 14.98
N LEU A 18 -13.65 -5.26 13.65
CA LEU A 18 -14.78 -4.55 13.05
C LEU A 18 -16.10 -5.21 13.40
N MET A 19 -16.08 -6.52 13.62
CA MET A 19 -17.26 -7.32 13.91
C MET A 19 -17.86 -6.96 15.28
N SER A 20 -17.02 -6.42 16.19
CA SER A 20 -17.40 -5.98 17.53
C SER A 20 -18.04 -4.60 17.44
N LEU A 21 -18.00 -4.03 16.24
CA LEU A 21 -18.61 -2.74 15.95
C LEU A 21 -19.94 -2.93 15.22
N GLY A 22 -20.48 -4.18 15.24
CA GLY A 22 -21.80 -4.47 14.69
C GLY A 22 -21.82 -4.55 13.15
N ILE A 23 -20.64 -4.47 12.55
CA ILE A 23 -20.47 -4.50 11.11
C ILE A 23 -20.51 -5.95 10.63
N SER A 24 -21.14 -6.15 9.46
CA SER A 24 -21.38 -7.48 8.92
C SER A 24 -20.12 -7.99 8.24
N PRO A 25 -19.81 -9.28 8.40
CA PRO A 25 -18.72 -9.89 7.66
C PRO A 25 -18.96 -9.98 6.15
N GLN A 26 -20.20 -9.80 5.67
CA GLN A 26 -20.46 -9.96 4.24
C GLN A 26 -19.77 -8.85 3.43
N PHE A 27 -19.29 -7.77 4.04
CA PHE A 27 -18.67 -6.68 3.30
C PHE A 27 -17.16 -6.56 3.47
N LEU A 28 -16.57 -7.61 4.05
CA LEU A 28 -15.14 -7.64 4.24
C LEU A 28 -14.46 -8.15 2.96
N ASP A 29 -14.31 -7.24 1.98
CA ASP A 29 -13.65 -7.58 0.72
C ASP A 29 -12.97 -6.32 0.20
N PHE A 30 -12.04 -6.48 -0.74
CA PHE A 30 -11.14 -5.43 -1.15
C PHE A 30 -11.88 -4.21 -1.69
N ARG A 31 -12.98 -4.42 -2.41
CA ARG A 31 -13.74 -3.32 -2.99
C ARG A 31 -14.67 -2.64 -1.99
N SER A 32 -15.14 -3.37 -1.00
CA SER A 32 -16.21 -2.88 -0.14
C SER A 32 -15.64 -2.24 1.13
N THR A 33 -14.55 -2.82 1.67
CA THR A 33 -13.96 -2.28 2.88
C THR A 33 -12.61 -1.71 2.51
N THR A 34 -12.50 -0.38 2.51
CA THR A 34 -11.32 0.32 2.03
C THR A 34 -10.54 0.88 3.21
N PHE A 35 -9.24 1.03 2.97
CA PHE A 35 -8.27 1.26 4.03
C PHE A 35 -7.06 1.99 3.45
N GLU A 36 -7.13 3.32 3.42
CA GLU A 36 -6.14 4.18 2.79
C GLU A 36 -4.99 4.55 3.76
N SER A 37 -5.32 4.63 5.04
CA SER A 37 -4.38 4.87 6.12
C SER A 37 -4.95 4.24 7.38
N ASP A 38 -4.20 4.23 8.50
CA ASP A 38 -4.74 3.59 9.69
C ASP A 38 -5.61 4.57 10.48
N HIS A 39 -5.98 5.72 9.85
CA HIS A 39 -6.86 6.70 10.45
C HIS A 39 -8.30 6.23 10.34
N PHE A 40 -8.68 5.67 9.18
CA PHE A 40 -10.06 5.30 8.94
C PHE A 40 -10.18 3.96 8.22
N VAL A 41 -11.29 3.28 8.50
CA VAL A 41 -11.78 2.18 7.69
C VAL A 41 -13.16 2.59 7.18
N THR A 42 -13.42 2.41 5.86
CA THR A 42 -14.70 2.74 5.25
C THR A 42 -15.38 1.47 4.73
N VAL A 43 -16.54 1.10 5.29
CA VAL A 43 -17.27 -0.08 4.87
C VAL A 43 -18.53 0.26 4.09
N ARG A 44 -18.57 -0.18 2.83
CA ARG A 44 -19.76 -0.07 1.98
C ARG A 44 -20.68 -1.23 2.26
N GLU A 45 -21.89 -0.92 2.72
CA GLU A 45 -22.85 -1.87 3.21
C GLU A 45 -24.06 -1.85 2.25
N THR A 46 -24.33 -2.98 1.57
CA THR A 46 -25.42 -3.10 0.61
C THR A 46 -26.61 -3.83 1.22
N LYS A 47 -27.78 -3.17 1.17
CA LYS A 47 -29.05 -3.74 1.60
C LYS A 47 -30.13 -3.16 0.68
N ASP A 48 -30.34 -3.83 -0.46
CA ASP A 48 -31.30 -3.37 -1.46
C ASP A 48 -30.74 -2.09 -2.08
N GLY A 49 -31.59 -1.10 -2.36
CA GLY A 49 -31.13 0.22 -2.76
C GLY A 49 -30.94 1.14 -1.55
N THR A 50 -31.30 0.63 -0.34
CA THR A 50 -31.09 1.36 0.90
C THR A 50 -29.62 1.19 1.33
N ASN A 51 -28.70 1.66 0.47
CA ASN A 51 -27.27 1.39 0.58
C ASN A 51 -26.60 2.39 1.51
N SER A 52 -25.47 2.04 2.13
CA SER A 52 -24.90 2.89 3.18
C SER A 52 -23.39 2.69 3.26
N VAL A 53 -22.77 3.54 4.09
CA VAL A 53 -21.36 3.48 4.36
C VAL A 53 -21.16 3.73 5.85
N ALA A 54 -20.27 2.92 6.44
CA ALA A 54 -19.88 3.03 7.84
C ALA A 54 -18.41 3.43 7.85
N ILE A 55 -18.15 4.62 8.41
CA ILE A 55 -16.82 5.17 8.50
C ILE A 55 -16.33 5.01 9.92
N VAL A 56 -15.25 4.23 10.08
CA VAL A 56 -14.68 3.94 11.40
C VAL A 56 -13.48 4.86 11.58
N ASP A 57 -13.49 5.68 12.65
CA ASP A 57 -12.41 6.61 12.93
C ASP A 57 -11.51 5.98 13.99
N LEU A 58 -10.33 5.55 13.59
CA LEU A 58 -9.44 4.76 14.43
C LEU A 58 -8.75 5.64 15.45
N ALA A 59 -8.61 6.93 15.14
CA ALA A 59 -8.00 7.89 16.05
C ALA A 59 -8.97 8.25 17.19
N LYS A 60 -10.26 8.37 16.87
CA LYS A 60 -11.29 8.85 17.78
C LYS A 60 -12.08 7.68 18.38
N GLY A 61 -11.38 6.67 18.91
CA GLY A 61 -12.04 5.61 19.67
C GLY A 61 -12.90 4.67 18.85
N ASN A 62 -12.57 4.46 17.56
CA ASN A 62 -13.34 3.57 16.71
C ASN A 62 -14.76 4.05 16.52
N GLU A 63 -14.99 5.36 16.69
CA GLU A 63 -16.29 5.98 16.42
C GLU A 63 -16.74 5.63 15.01
N VAL A 64 -17.98 5.14 14.84
CA VAL A 64 -18.56 4.90 13.53
C VAL A 64 -19.52 6.01 13.12
N THR A 65 -19.35 6.54 11.92
CA THR A 65 -20.31 7.45 11.32
C THR A 65 -20.94 6.72 10.15
N ARG A 66 -22.27 6.63 10.15
CA ARG A 66 -22.96 5.86 9.14
C ARG A 66 -23.86 6.80 8.33
N LYS A 67 -23.79 6.68 7.00
CA LYS A 67 -24.53 7.55 6.11
C LYS A 67 -25.12 6.72 4.98
N ASN A 68 -26.29 7.14 4.48
CA ASN A 68 -26.82 6.56 3.25
C ASN A 68 -25.96 7.07 2.11
N MET A 69 -25.74 6.19 1.13
CA MET A 69 -24.89 6.48 0.00
C MET A 69 -25.48 5.81 -1.25
N GLY A 70 -25.37 6.49 -2.40
CA GLY A 70 -25.84 5.97 -3.67
C GLY A 70 -24.69 5.53 -4.59
N GLY A 71 -23.48 5.47 -4.04
CA GLY A 71 -22.29 5.20 -4.83
C GLY A 71 -21.89 3.74 -4.71
N ASP A 72 -20.98 3.34 -5.58
CA ASP A 72 -20.50 1.98 -5.68
C ASP A 72 -19.15 1.84 -4.98
N SER A 73 -18.51 2.95 -4.61
CA SER A 73 -17.18 2.89 -4.05
C SER A 73 -16.92 4.14 -3.21
N ALA A 74 -16.33 3.98 -2.02
CA ALA A 74 -16.05 5.12 -1.16
C ALA A 74 -14.70 4.93 -0.45
N ILE A 75 -13.88 5.98 -0.45
CA ILE A 75 -12.62 6.03 0.30
C ILE A 75 -12.51 7.33 1.12
N MET A 76 -11.85 7.24 2.28
CA MET A 76 -11.44 8.39 3.08
C MET A 76 -10.03 8.82 2.71
N HIS A 77 -9.78 10.12 2.92
CA HIS A 77 -8.47 10.71 2.77
C HIS A 77 -7.56 10.07 3.82
N PRO A 78 -6.24 10.06 3.65
CA PRO A 78 -5.37 9.47 4.68
C PRO A 78 -5.41 10.17 6.04
N SER A 79 -5.71 11.48 6.05
CA SER A 79 -5.62 12.23 7.31
C SER A 79 -6.81 13.17 7.57
N GLN A 80 -7.33 13.82 6.50
CA GLN A 80 -8.36 14.85 6.60
C GLN A 80 -9.74 14.19 6.52
N MET A 81 -10.77 14.93 6.94
CA MET A 81 -12.14 14.44 7.04
C MET A 81 -12.84 14.66 5.70
N VAL A 82 -12.31 13.96 4.71
CA VAL A 82 -12.72 14.08 3.33
C VAL A 82 -13.02 12.68 2.76
N ILE A 83 -14.26 12.53 2.25
CA ILE A 83 -14.73 11.28 1.66
C ILE A 83 -14.94 11.49 0.15
N SER A 84 -14.52 10.49 -0.60
CA SER A 84 -14.61 10.40 -2.06
C SER A 84 -15.51 9.21 -2.40
N VAL A 85 -16.54 9.51 -3.21
CA VAL A 85 -17.50 8.51 -3.66
C VAL A 85 -17.58 8.54 -5.18
N ARG A 86 -17.72 7.36 -5.78
CA ARG A 86 -17.91 7.27 -7.22
C ARG A 86 -19.09 6.35 -7.48
N ALA A 87 -19.75 6.56 -8.63
CA ALA A 87 -20.93 5.80 -8.97
C ALA A 87 -20.99 5.59 -10.49
N ASN A 88 -21.58 4.46 -10.92
CA ASN A 88 -21.97 4.29 -12.33
C ASN A 88 -20.77 4.52 -13.24
N GLY A 89 -19.65 3.92 -12.82
CA GLY A 89 -18.37 4.08 -13.47
C GLY A 89 -17.72 5.46 -13.26
N THR A 90 -18.46 6.53 -13.58
CA THR A 90 -17.85 7.76 -14.06
C THR A 90 -18.24 8.97 -13.21
N ILE A 91 -19.23 8.85 -12.32
CA ILE A 91 -19.65 9.99 -11.52
C ILE A 91 -18.82 10.04 -10.23
N VAL A 92 -18.13 11.15 -10.00
CA VAL A 92 -17.26 11.29 -8.84
C VAL A 92 -17.68 12.52 -8.03
N GLN A 93 -17.77 12.37 -6.71
CA GLN A 93 -18.07 13.50 -5.84
C GLN A 93 -17.24 13.36 -4.56
N ILE A 94 -16.66 14.47 -4.12
CA ILE A 94 -15.75 14.43 -2.97
C ILE A 94 -16.23 15.49 -2.01
N PHE A 95 -16.39 15.15 -0.71
CA PHE A 95 -16.97 16.05 0.27
C PHE A 95 -16.09 16.19 1.52
N ASN A 96 -16.09 17.41 2.11
CA ASN A 96 -15.68 17.68 3.48
C ASN A 96 -16.83 17.22 4.37
N LEU A 97 -16.64 16.09 5.06
CA LEU A 97 -17.65 15.53 5.93
C LEU A 97 -18.07 16.54 7.00
N GLU A 98 -17.13 17.37 7.47
CA GLU A 98 -17.45 18.26 8.58
C GLU A 98 -18.40 19.38 8.16
N THR A 99 -18.14 20.02 7.02
CA THR A 99 -18.95 21.14 6.56
C THR A 99 -20.06 20.64 5.63
N LYS A 100 -19.96 19.36 5.21
CA LYS A 100 -20.91 18.75 4.28
C LYS A 100 -20.72 19.30 2.86
N SER A 101 -19.62 20.00 2.61
CA SER A 101 -19.49 20.73 1.35
C SER A 101 -18.80 19.88 0.29
N LYS A 102 -19.20 20.09 -0.95
CA LYS A 102 -18.63 19.34 -2.07
C LYS A 102 -17.35 20.00 -2.59
N LEU A 103 -16.22 19.28 -2.48
CA LEU A 103 -14.87 19.61 -2.95
C LEU A 103 -14.70 19.41 -4.45
N LYS A 104 -15.16 18.27 -4.96
CA LYS A 104 -15.04 17.95 -6.36
C LYS A 104 -16.34 17.32 -6.79
N SER A 105 -16.71 17.56 -8.04
CA SER A 105 -17.87 16.93 -8.64
C SER A 105 -17.64 16.94 -10.15
N PHE A 106 -17.55 15.75 -10.75
CA PHE A 106 -17.41 15.67 -12.19
C PHE A 106 -17.79 14.26 -12.65
N THR A 107 -17.94 14.14 -13.99
CA THR A 107 -18.16 12.87 -14.65
C THR A 107 -16.96 12.56 -15.55
N LEU A 108 -16.39 11.37 -15.40
CA LEU A 108 -15.21 10.97 -16.13
C LEU A 108 -15.61 10.46 -17.51
N ASP A 109 -14.64 10.52 -18.44
CA ASP A 109 -14.85 10.09 -19.82
C ASP A 109 -14.98 8.56 -19.90
N GLU A 110 -14.29 7.84 -19.02
CA GLU A 110 -14.19 6.38 -19.04
C GLU A 110 -14.42 5.90 -17.61
N PRO A 111 -15.02 4.72 -17.40
CA PRO A 111 -15.24 4.21 -16.04
C PRO A 111 -13.96 3.96 -15.27
N VAL A 112 -13.99 4.34 -13.98
CA VAL A 112 -12.90 4.09 -13.05
C VAL A 112 -12.94 2.64 -12.59
N ILE A 113 -11.79 1.98 -12.65
CA ILE A 113 -11.61 0.59 -12.23
C ILE A 113 -10.98 0.55 -10.85
N PHE A 114 -10.08 1.47 -10.55
CA PHE A 114 -9.37 1.49 -9.29
C PHE A 114 -9.03 2.95 -8.95
N TRP A 115 -9.13 3.32 -7.67
CA TRP A 115 -8.60 4.61 -7.27
C TRP A 115 -7.98 4.51 -5.88
N ARG A 116 -7.09 5.45 -5.56
CA ARG A 116 -6.60 5.57 -4.19
C ARG A 116 -5.87 6.91 -4.07
N TRP A 117 -5.68 7.37 -2.84
CA TRP A 117 -4.88 8.56 -2.66
C TRP A 117 -3.40 8.23 -2.89
N LEU A 118 -2.76 8.94 -3.82
CA LEU A 118 -1.32 8.80 -4.05
C LEU A 118 -0.51 9.55 -3.00
N SER A 119 -1.08 10.64 -2.48
CA SER A 119 -0.47 11.49 -1.47
C SER A 119 -1.60 12.20 -0.70
N GLU A 120 -1.25 13.10 0.22
CA GLU A 120 -2.22 13.92 0.92
C GLU A 120 -2.92 14.87 -0.04
N THR A 121 -2.32 15.10 -1.23
CA THR A 121 -2.83 16.11 -2.16
C THR A 121 -3.52 15.50 -3.38
N THR A 122 -3.19 14.25 -3.73
CA THR A 122 -3.43 13.81 -5.10
C THR A 122 -4.14 12.46 -5.07
N LEU A 123 -5.29 12.40 -5.76
CA LEU A 123 -6.04 11.16 -5.96
C LEU A 123 -5.72 10.54 -7.32
N GLY A 124 -5.35 9.26 -7.33
CA GLY A 124 -5.02 8.49 -8.53
C GLY A 124 -6.22 7.67 -9.01
N PHE A 125 -6.40 7.62 -10.35
CA PHE A 125 -7.47 6.90 -11.01
C PHE A 125 -6.86 6.00 -12.07
N VAL A 126 -7.39 4.77 -12.15
CA VAL A 126 -7.06 3.86 -13.24
C VAL A 126 -8.38 3.45 -13.91
N THR A 127 -8.49 3.71 -15.22
CA THR A 127 -9.64 3.31 -16.02
C THR A 127 -9.28 2.07 -16.83
N ALA A 128 -10.16 1.64 -17.75
CA ALA A 128 -9.85 0.51 -18.62
C ALA A 128 -8.65 0.80 -19.50
N ARG A 129 -8.45 2.07 -19.88
CA ARG A 129 -7.40 2.41 -20.83
C ARG A 129 -6.35 3.41 -20.29
N SER A 130 -6.65 4.15 -19.23
CA SER A 130 -5.90 5.36 -18.85
C SER A 130 -5.56 5.37 -17.36
N ILE A 131 -4.57 6.21 -17.02
CA ILE A 131 -4.14 6.44 -15.65
C ILE A 131 -4.20 7.96 -15.48
N LEU A 132 -4.89 8.45 -14.43
CA LEU A 132 -5.22 9.86 -14.24
C LEU A 132 -4.89 10.28 -12.81
N THR A 133 -4.65 11.59 -12.60
CA THR A 133 -4.49 12.13 -11.25
C THR A 133 -5.30 13.42 -11.11
N SER A 134 -5.72 13.67 -9.87
CA SER A 134 -6.49 14.87 -9.52
C SER A 134 -5.85 15.53 -8.32
N ASN A 135 -5.52 16.83 -8.48
CA ASN A 135 -5.13 17.71 -7.38
C ASN A 135 -6.45 18.17 -6.74
N VAL A 136 -6.90 17.40 -5.76
CA VAL A 136 -8.26 17.55 -5.26
C VAL A 136 -8.45 18.89 -4.54
N PHE A 137 -7.43 19.40 -3.87
CA PHE A 137 -7.56 20.60 -3.04
C PHE A 137 -7.09 21.89 -3.75
N ASP A 138 -7.42 22.07 -5.04
CA ASP A 138 -7.07 23.28 -5.75
C ASP A 138 -8.16 24.34 -5.68
N GLY A 139 -9.35 23.98 -5.18
CA GLY A 139 -10.41 24.96 -5.00
C GLY A 139 -11.30 25.10 -6.25
N ASN A 140 -11.07 24.24 -7.25
CA ASN A 140 -11.88 24.16 -8.47
C ASN A 140 -12.74 22.90 -8.46
N VAL A 141 -14.02 23.09 -8.14
CA VAL A 141 -14.90 21.97 -7.86
C VAL A 141 -15.05 21.05 -9.07
N ASN A 142 -15.11 21.61 -10.29
CA ASN A 142 -15.55 20.82 -11.44
C ASN A 142 -14.38 20.43 -12.35
N ALA A 143 -13.15 20.78 -11.95
CA ALA A 143 -11.98 20.46 -12.75
C ALA A 143 -11.71 18.96 -12.77
N LYS A 144 -11.64 18.38 -13.96
CA LYS A 144 -11.57 16.94 -14.09
C LYS A 144 -10.11 16.45 -13.97
N PRO A 145 -9.87 15.17 -13.66
CA PRO A 145 -8.50 14.64 -13.54
C PRO A 145 -7.68 14.72 -14.82
N GLN A 146 -6.38 14.93 -14.67
CA GLN A 146 -5.47 15.08 -15.79
C GLN A 146 -4.94 13.71 -16.21
N LEU A 147 -4.82 13.47 -17.51
CA LEU A 147 -4.20 12.24 -17.99
C LEU A 147 -2.72 12.20 -17.60
N LEU A 148 -2.35 11.11 -16.95
CA LEU A 148 -0.95 10.85 -16.69
C LEU A 148 -0.31 10.08 -17.84
N THR A 149 -0.85 8.90 -18.15
CA THR A 149 -0.44 8.14 -19.33
C THR A 149 -1.49 7.07 -19.61
N LEU A 150 -1.39 6.48 -20.80
CA LEU A 150 -2.18 5.30 -21.11
C LEU A 150 -1.62 4.11 -20.36
N ARG A 151 -2.52 3.14 -20.09
CA ARG A 151 -2.12 1.86 -19.54
C ARG A 151 -1.32 1.09 -20.58
N HIS A 152 -0.27 0.44 -20.11
CA HIS A 152 0.56 -0.46 -20.88
C HIS A 152 -0.22 -1.76 -21.18
N ALA A 153 0.13 -2.41 -22.29
CA ALA A 153 -0.62 -3.60 -22.68
C ALA A 153 -0.42 -4.76 -21.70
N ASN A 154 0.67 -4.73 -20.94
CA ASN A 154 0.98 -5.77 -19.96
C ASN A 154 -0.11 -5.83 -18.87
N LEU A 155 -0.93 -4.78 -18.72
CA LEU A 155 -1.97 -4.76 -17.69
C LEU A 155 -3.30 -5.22 -18.28
N ASN A 156 -3.29 -5.53 -19.59
CA ASN A 156 -4.48 -6.05 -20.21
C ASN A 156 -4.81 -7.36 -19.51
N ASN A 157 -6.07 -7.45 -19.17
CA ASN A 157 -6.65 -8.69 -18.66
C ASN A 157 -6.23 -8.93 -17.22
N THR A 158 -5.88 -7.84 -16.53
CA THR A 158 -5.59 -7.93 -15.10
C THR A 158 -6.68 -7.25 -14.26
N GLN A 159 -6.69 -7.59 -12.98
N GLN A 159 -6.70 -7.62 -12.98
CA GLN A 159 -7.46 -6.84 -11.99
CA GLN A 159 -7.40 -6.90 -11.91
C GLN A 159 -6.52 -5.83 -11.33
C GLN A 159 -6.47 -5.82 -11.38
N ILE A 160 -6.87 -4.55 -11.45
CA ILE A 160 -6.02 -3.48 -10.92
C ILE A 160 -6.15 -3.41 -9.41
N ILE A 161 -5.01 -3.53 -8.71
CA ILE A 161 -5.00 -3.59 -7.25
C ILE A 161 -4.15 -2.54 -6.55
N ASN A 162 -3.40 -1.73 -7.28
CA ASN A 162 -2.62 -0.69 -6.68
C ASN A 162 -2.15 0.30 -7.75
N PHE A 163 -1.89 1.51 -7.25
CA PHE A 163 -1.35 2.65 -7.95
C PHE A 163 -0.59 3.48 -6.92
N VAL A 164 0.76 3.54 -7.06
CA VAL A 164 1.59 4.26 -6.10
C VAL A 164 2.46 5.28 -6.86
N ALA A 165 2.92 6.26 -6.09
CA ALA A 165 3.78 7.32 -6.61
C ALA A 165 4.88 7.62 -5.61
N ASN A 166 5.97 8.24 -6.11
CA ASN A 166 6.95 8.82 -5.21
C ASN A 166 6.43 10.17 -4.70
N LYS A 167 7.21 10.75 -3.78
CA LYS A 167 6.82 11.99 -3.15
C LYS A 167 6.79 13.14 -4.17
N ASN A 168 7.72 13.09 -5.14
CA ASN A 168 7.85 14.11 -6.17
C ASN A 168 6.73 14.03 -7.21
N LEU A 169 5.90 12.98 -7.16
CA LEU A 169 4.84 12.77 -8.15
C LEU A 169 5.38 12.81 -9.58
N ASP A 170 6.52 12.15 -9.83
CA ASP A 170 7.02 12.01 -11.18
C ASP A 170 7.45 10.57 -11.49
N TRP A 171 7.29 9.64 -10.54
CA TRP A 171 7.45 8.22 -10.78
C TRP A 171 6.24 7.52 -10.19
N PHE A 172 5.78 6.50 -10.88
CA PHE A 172 4.51 5.85 -10.57
C PHE A 172 4.58 4.39 -10.92
N ALA A 173 3.75 3.60 -10.24
CA ALA A 173 3.62 2.19 -10.58
C ALA A 173 2.16 1.80 -10.43
N VAL A 174 1.67 1.05 -11.43
CA VAL A 174 0.36 0.44 -11.37
C VAL A 174 0.52 -1.08 -11.38
N VAL A 175 -0.27 -1.73 -10.51
CA VAL A 175 -0.16 -3.15 -10.26
C VAL A 175 -1.47 -3.84 -10.65
N GLY A 176 -1.37 -4.89 -11.48
CA GLY A 176 -2.53 -5.73 -11.79
C GLY A 176 -2.21 -7.22 -11.60
N ILE A 177 -3.21 -8.02 -11.22
CA ILE A 177 -3.01 -9.45 -11.02
C ILE A 177 -3.94 -10.23 -11.92
N LEU A 178 -3.53 -11.47 -12.19
CA LEU A 178 -4.29 -12.37 -13.02
C LEU A 178 -3.91 -13.79 -12.67
N GLN A 179 -4.81 -14.72 -13.03
CA GLN A 179 -4.57 -16.13 -12.76
C GLN A 179 -3.71 -16.71 -13.88
N GLU A 180 -2.59 -17.36 -13.49
CA GLU A 180 -1.71 -18.08 -14.40
C GLU A 180 -1.26 -19.35 -13.69
N ASN A 181 -1.43 -20.48 -14.36
CA ASN A 181 -1.05 -21.77 -13.81
C ASN A 181 -1.85 -22.06 -12.54
N GLY A 182 -3.08 -21.57 -12.45
CA GLY A 182 -3.91 -21.81 -11.28
C GLY A 182 -3.46 -21.03 -10.04
N ARG A 183 -2.51 -20.10 -10.22
CA ARG A 183 -1.94 -19.27 -9.17
C ARG A 183 -2.05 -17.80 -9.58
N ILE A 184 -1.69 -16.88 -8.66
CA ILE A 184 -1.80 -15.46 -8.93
C ILE A 184 -0.45 -14.91 -9.45
N ALA A 185 -0.46 -14.39 -10.68
CA ALA A 185 0.69 -13.65 -11.20
C ALA A 185 0.42 -12.15 -11.10
N GLY A 186 1.48 -11.35 -10.99
CA GLY A 186 1.35 -9.91 -10.93
C GLY A 186 2.15 -9.21 -12.02
N ARG A 187 1.60 -8.11 -12.54
CA ARG A 187 2.24 -7.30 -13.56
C ARG A 187 2.28 -5.85 -13.08
N ILE A 188 3.38 -5.16 -13.33
CA ILE A 188 3.53 -3.78 -12.89
C ILE A 188 3.91 -2.92 -14.10
N GLN A 189 3.17 -1.83 -14.30
CA GLN A 189 3.59 -0.76 -15.18
C GLN A 189 4.29 0.31 -14.35
N LEU A 190 5.58 0.54 -14.62
CA LEU A 190 6.33 1.64 -14.03
C LEU A 190 6.40 2.81 -15.01
N PHE A 191 6.13 4.03 -14.53
CA PHE A 191 6.10 5.20 -15.38
C PHE A 191 6.93 6.33 -14.79
N SER A 192 7.83 6.83 -15.62
CA SER A 192 8.58 8.05 -15.34
C SER A 192 7.99 9.21 -16.14
N LYS A 193 7.47 10.21 -15.43
CA LYS A 193 6.85 11.35 -16.05
C LYS A 193 7.90 12.21 -16.73
N GLN A 194 9.11 12.28 -16.17
CA GLN A 194 10.11 13.16 -16.75
C GLN A 194 10.52 12.61 -18.12
N ARG A 195 10.59 11.27 -18.26
CA ARG A 195 10.97 10.67 -19.54
C ARG A 195 9.76 10.39 -20.43
N ASN A 196 8.57 10.42 -19.86
CA ASN A 196 7.31 10.01 -20.48
C ASN A 196 7.44 8.60 -21.08
N ILE A 197 7.94 7.70 -20.26
CA ILE A 197 8.16 6.31 -20.66
C ILE A 197 7.61 5.38 -19.58
N SER A 198 7.00 4.27 -20.05
CA SER A 198 6.57 3.19 -19.19
C SER A 198 7.45 1.96 -19.40
N GLN A 199 7.60 1.15 -18.34
CA GLN A 199 8.27 -0.12 -18.44
C GLN A 199 7.39 -1.14 -17.73
N ALA A 200 7.29 -2.34 -18.33
CA ALA A 200 6.48 -3.42 -17.77
C ALA A 200 7.40 -4.42 -17.08
N ILE A 201 7.05 -4.78 -15.85
CA ILE A 201 7.82 -5.76 -15.09
C ILE A 201 6.84 -6.71 -14.43
N ASP A 202 7.40 -7.75 -13.80
CA ASP A 202 6.64 -8.71 -13.02
C ASP A 202 6.68 -8.26 -11.58
N GLY A 203 5.52 -8.32 -10.94
CA GLY A 203 5.42 -8.13 -9.51
C GLY A 203 3.99 -7.94 -9.02
N HIS A 204 3.84 -8.10 -7.70
CA HIS A 204 2.58 -8.10 -6.96
C HIS A 204 2.48 -6.91 -6.03
N VAL A 205 3.62 -6.31 -5.66
CA VAL A 205 3.62 -5.21 -4.71
C VAL A 205 4.71 -4.23 -5.11
N ALA A 206 4.46 -2.96 -4.78
CA ALA A 206 5.37 -1.88 -5.16
C ALA A 206 5.23 -0.71 -4.18
N ILE A 207 6.34 0.01 -3.97
CA ILE A 207 6.33 1.24 -3.19
C ILE A 207 7.64 1.98 -3.50
N PHE A 208 7.52 3.28 -3.59
CA PHE A 208 8.66 4.20 -3.66
C PHE A 208 9.01 4.73 -2.27
N THR A 209 10.30 4.79 -1.92
CA THR A 209 10.71 5.27 -0.62
C THR A 209 12.06 5.96 -0.77
N ASN A 210 12.67 6.25 0.38
CA ASN A 210 13.86 7.07 0.44
C ASN A 210 14.78 6.50 1.52
N ILE A 211 16.09 6.70 1.33
CA ILE A 211 17.08 6.27 2.31
C ILE A 211 18.25 7.27 2.40
N LEU A 212 18.70 7.49 3.64
CA LEU A 212 19.85 8.34 3.95
C LEU A 212 21.07 7.44 4.02
N LEU A 213 22.05 7.70 3.14
CA LEU A 213 23.28 6.93 3.10
C LEU A 213 24.44 7.76 3.63
N GLU A 214 25.34 7.06 4.34
CA GLU A 214 26.57 7.65 4.82
C GLU A 214 27.23 8.47 3.71
N GLY A 215 27.47 9.75 4.00
CA GLY A 215 28.26 10.60 3.13
C GLY A 215 27.44 11.47 2.20
N ASN A 216 26.10 11.28 2.21
CA ASN A 216 25.14 12.10 1.46
C ASN A 216 24.51 13.15 2.37
N GLY A 217 24.92 13.20 3.65
CA GLY A 217 24.41 14.18 4.60
C GLY A 217 22.95 13.90 4.96
N SER A 218 22.11 14.93 4.82
CA SER A 218 20.68 14.80 5.10
C SER A 218 19.86 14.72 3.81
N THR A 219 20.48 14.37 2.69
CA THR A 219 19.76 14.20 1.43
C THR A 219 19.51 12.71 1.15
N PRO A 220 18.25 12.25 1.12
CA PRO A 220 17.94 10.90 0.67
C PRO A 220 18.25 10.59 -0.79
N VAL A 221 18.42 9.29 -1.06
CA VAL A 221 18.33 8.77 -2.41
C VAL A 221 17.01 7.99 -2.47
N GLN A 222 16.43 7.95 -3.66
CA GLN A 222 15.15 7.27 -3.84
C GLN A 222 15.37 5.85 -4.32
N VAL A 223 14.60 4.93 -3.77
CA VAL A 223 14.60 3.55 -4.21
C VAL A 223 13.15 3.09 -4.39
N PHE A 224 13.00 2.20 -5.36
CA PHE A 224 11.78 1.46 -5.59
C PHE A 224 11.92 0.06 -5.01
N VAL A 225 10.88 -0.38 -4.31
CA VAL A 225 10.86 -1.66 -3.64
C VAL A 225 9.70 -2.43 -4.27
N THR A 226 9.98 -3.63 -4.76
CA THR A 226 8.95 -4.43 -5.39
C THR A 226 9.17 -5.90 -5.03
N GLY A 227 8.05 -6.62 -4.93
CA GLY A 227 8.06 -8.04 -4.63
C GLY A 227 7.17 -8.81 -5.60
N ASN A 228 7.65 -10.01 -5.99
CA ASN A 228 7.02 -10.87 -6.97
C ASN A 228 7.02 -12.29 -6.40
N ARG A 229 6.03 -13.07 -6.79
CA ARG A 229 6.10 -14.52 -6.72
C ARG A 229 5.88 -15.09 -8.11
N ASN A 230 6.80 -15.94 -8.55
CA ASN A 230 6.73 -16.60 -9.84
C ASN A 230 5.57 -17.62 -9.81
N ALA A 231 4.60 -17.47 -10.73
CA ALA A 231 3.39 -18.29 -10.69
C ALA A 231 3.59 -19.74 -11.15
N THR A 232 4.73 -20.03 -11.77
CA THR A 232 5.10 -21.39 -12.14
C THR A 232 5.93 -22.08 -11.05
N THR A 233 7.01 -21.43 -10.58
CA THR A 233 8.00 -22.10 -9.72
C THR A 233 7.66 -21.90 -8.26
N GLY A 234 6.87 -20.84 -7.99
CA GLY A 234 6.59 -20.47 -6.62
C GLY A 234 7.63 -19.56 -5.97
N ALA A 235 8.76 -19.30 -6.65
CA ALA A 235 9.85 -18.55 -6.05
C ALA A 235 9.44 -17.10 -5.86
N GLY A 236 9.75 -16.58 -4.66
CA GLY A 236 9.46 -15.21 -4.33
C GLY A 236 10.73 -14.37 -4.34
N GLU A 237 10.59 -13.13 -4.78
CA GLU A 237 11.75 -12.26 -4.82
C GLU A 237 11.37 -10.81 -4.56
N LEU A 238 12.17 -10.17 -3.68
CA LEU A 238 12.10 -8.73 -3.41
C LEU A 238 13.29 -8.07 -4.10
N ARG A 239 13.05 -6.93 -4.78
CA ARG A 239 14.11 -6.10 -5.35
C ARG A 239 13.99 -4.68 -4.81
N ILE A 240 15.13 -4.09 -4.55
CA ILE A 240 15.27 -2.70 -4.15
C ILE A 240 16.25 -2.07 -5.12
N ILE A 241 15.86 -0.92 -5.72
CA ILE A 241 16.69 -0.33 -6.73
C ILE A 241 16.54 1.18 -6.74
N GLU A 242 17.64 1.86 -7.04
CA GLU A 242 17.64 3.30 -7.09
C GLU A 242 16.90 3.82 -8.33
N ILE A 243 16.21 4.96 -8.14
CA ILE A 243 15.71 5.78 -9.24
C ILE A 243 16.27 7.22 -9.14
N ASP A 244 16.49 7.83 -10.30
CA ASP A 244 16.92 9.24 -10.43
C ASP A 244 18.01 9.64 -9.45
N HIS A 245 19.20 9.03 -9.56
CA HIS A 245 20.28 9.35 -8.63
C HIS A 245 20.76 10.78 -8.88
N ASP A 246 20.77 11.60 -7.82
CA ASP A 246 21.29 12.96 -7.88
C ASP A 246 22.82 12.87 -7.85
N ALA A 247 23.42 13.50 -8.88
CA ALA A 247 24.80 13.22 -9.27
C ALA A 247 25.80 13.73 -8.25
N SER A 248 25.50 14.88 -7.60
CA SER A 248 26.38 15.49 -6.60
C SER A 248 26.61 14.56 -5.42
N LEU A 249 25.59 13.75 -5.07
CA LEU A 249 25.68 12.85 -3.94
C LEU A 249 26.77 11.82 -4.22
N PRO A 250 27.72 11.62 -3.28
CA PRO A 250 28.78 10.64 -3.44
C PRO A 250 28.44 9.19 -3.08
N SER A 251 27.35 8.97 -2.33
CA SER A 251 26.91 7.60 -2.05
C SER A 251 25.68 7.28 -2.88
N GLN A 252 25.70 6.11 -3.51
CA GLN A 252 24.52 5.62 -4.20
C GLN A 252 24.18 4.22 -3.74
N TYR A 253 23.03 3.77 -4.21
CA TYR A 253 22.40 2.54 -3.74
C TYR A 253 22.69 1.48 -4.79
N GLN A 254 23.30 0.40 -4.34
CA GLN A 254 23.52 -0.77 -5.18
C GLN A 254 22.31 -1.68 -5.06
N LYS A 255 21.75 -2.07 -6.20
CA LYS A 255 20.53 -2.89 -6.22
C LYS A 255 20.64 -4.13 -5.36
N GLU A 256 19.54 -4.45 -4.65
CA GLU A 256 19.46 -5.65 -3.85
C GLU A 256 18.36 -6.55 -4.38
N THR A 257 18.64 -7.84 -4.28
CA THR A 257 17.67 -8.88 -4.59
C THR A 257 17.69 -9.86 -3.44
N THR A 258 16.51 -10.11 -2.83
CA THR A 258 16.40 -11.03 -1.72
C THR A 258 15.19 -11.95 -1.91
N ASP A 259 15.37 -13.20 -1.49
CA ASP A 259 14.30 -14.20 -1.50
CA ASP A 259 14.30 -14.20 -1.50
C ASP A 259 13.11 -13.75 -0.65
N ILE A 260 11.89 -14.07 -1.10
CA ILE A 260 10.71 -14.06 -0.27
C ILE A 260 10.26 -15.52 -0.18
N PHE A 261 10.36 -16.12 1.01
CA PHE A 261 10.03 -17.53 1.22
C PHE A 261 8.51 -17.73 1.22
N PHE A 262 8.07 -18.63 0.36
CA PHE A 262 6.72 -19.20 0.39
C PHE A 262 6.84 -20.71 0.48
N PRO A 263 6.12 -21.37 1.41
CA PRO A 263 5.99 -22.81 1.41
C PRO A 263 5.57 -23.29 0.04
N PRO A 264 6.14 -24.39 -0.45
CA PRO A 264 5.92 -24.75 -1.84
C PRO A 264 4.44 -25.02 -2.20
N ASP A 265 3.72 -25.50 -1.18
CA ASP A 265 2.33 -25.88 -1.29
C ASP A 265 1.38 -24.76 -0.88
N ALA A 266 1.88 -23.53 -0.71
CA ALA A 266 1.05 -22.37 -0.45
C ALA A 266 0.52 -21.83 -1.79
N THR A 267 -0.36 -22.65 -2.39
CA THR A 267 -0.73 -22.54 -3.79
C THR A 267 -1.23 -21.14 -4.09
N ASN A 268 -2.06 -20.60 -3.20
CA ASN A 268 -2.81 -19.40 -3.57
C ASN A 268 -2.18 -18.16 -2.94
N ASP A 269 -0.96 -18.27 -2.35
CA ASP A 269 -0.38 -17.12 -1.70
C ASP A 269 0.41 -16.29 -2.69
N PHE A 270 0.54 -15.00 -2.35
CA PHE A 270 1.34 -14.04 -3.10
C PHE A 270 1.53 -12.81 -2.22
N PRO A 271 2.52 -11.94 -2.51
CA PRO A 271 2.62 -10.72 -1.75
C PRO A 271 1.41 -9.82 -1.99
N ILE A 272 0.83 -9.30 -0.93
CA ILE A 272 -0.37 -8.49 -1.05
C ILE A 272 -0.13 -7.04 -0.60
N ALA A 273 0.90 -6.78 0.19
CA ALA A 273 1.24 -5.39 0.48
C ALA A 273 2.71 -5.23 0.83
N VAL A 274 3.17 -4.01 0.62
CA VAL A 274 4.51 -3.64 1.06
C VAL A 274 4.48 -2.20 1.58
N GLN A 275 5.04 -2.01 2.78
CA GLN A 275 5.15 -0.69 3.40
C GLN A 275 6.58 -0.53 3.93
N VAL A 276 7.06 0.73 4.01
CA VAL A 276 8.42 1.01 4.46
C VAL A 276 8.43 2.05 5.57
N SER A 277 9.21 1.80 6.63
CA SER A 277 9.64 2.85 7.55
C SER A 277 10.88 3.54 6.99
N GLU A 278 10.71 4.78 6.51
CA GLU A 278 11.87 5.56 6.09
C GLU A 278 12.81 5.88 7.26
N LYS A 279 12.25 6.20 8.43
CA LYS A 279 13.04 6.50 9.63
C LYS A 279 14.01 5.34 9.93
N TYR A 280 13.50 4.11 9.98
CA TYR A 280 14.28 2.98 10.51
C TYR A 280 14.93 2.19 9.38
N GLY A 281 14.58 2.50 8.12
CA GLY A 281 14.96 1.66 6.98
C GLY A 281 14.53 0.19 7.11
N ILE A 282 13.22 -0.03 7.28
CA ILE A 282 12.63 -1.35 7.43
C ILE A 282 11.49 -1.53 6.43
N ILE A 283 11.56 -2.62 5.67
CA ILE A 283 10.51 -3.04 4.75
C ILE A 283 9.62 -4.05 5.44
N TYR A 284 8.30 -3.83 5.39
CA TYR A 284 7.32 -4.82 5.79
C TYR A 284 6.63 -5.39 4.57
N LEU A 285 6.76 -6.71 4.38
CA LEU A 285 6.14 -7.35 3.22
C LEU A 285 5.15 -8.36 3.76
N LEU A 286 3.87 -8.18 3.37
CA LEU A 286 2.78 -9.03 3.84
C LEU A 286 2.26 -9.88 2.69
N THR A 287 1.89 -11.14 3.00
CA THR A 287 1.30 -12.01 1.98
C THR A 287 -0.21 -12.17 2.23
N LYS A 288 -0.92 -12.60 1.17
CA LYS A 288 -2.36 -12.80 1.26
C LYS A 288 -2.73 -13.71 2.43
N TYR A 289 -1.95 -14.78 2.60
CA TYR A 289 -2.22 -15.76 3.62
C TYR A 289 -1.79 -15.31 5.03
N GLY A 290 -1.23 -14.12 5.16
CA GLY A 290 -0.96 -13.56 6.48
C GLY A 290 0.50 -13.66 6.93
N PHE A 291 1.43 -14.01 6.04
CA PHE A 291 2.85 -14.08 6.42
C PHE A 291 3.46 -12.69 6.34
N ILE A 292 4.27 -12.36 7.35
CA ILE A 292 4.96 -11.09 7.46
C ILE A 292 6.45 -11.37 7.25
N HIS A 293 7.08 -10.58 6.38
CA HIS A 293 8.50 -10.64 6.06
C HIS A 293 9.10 -9.25 6.29
N LEU A 294 10.08 -9.13 7.19
CA LEU A 294 10.79 -7.88 7.40
C LEU A 294 12.14 -7.95 6.68
N TYR A 295 12.51 -6.81 6.08
CA TYR A 295 13.80 -6.67 5.45
C TYR A 295 14.40 -5.35 5.85
N GLU A 296 15.73 -5.34 5.94
CA GLU A 296 16.43 -4.10 6.21
C GLU A 296 16.68 -3.43 4.84
N LEU A 297 16.42 -2.13 4.76
CA LEU A 297 16.36 -1.44 3.47
C LEU A 297 17.73 -1.19 2.82
N GLU A 298 18.76 -0.87 3.62
CA GLU A 298 20.08 -0.60 3.08
C GLU A 298 20.66 -1.82 2.37
N THR A 299 20.53 -2.99 3.01
CA THR A 299 21.20 -4.23 2.61
C THR A 299 20.24 -5.21 1.95
N GLY A 300 18.93 -4.94 2.04
CA GLY A 300 17.92 -5.92 1.65
C GLY A 300 17.91 -7.22 2.47
N THR A 301 18.63 -7.28 3.60
CA THR A 301 18.70 -8.52 4.37
C THR A 301 17.35 -8.85 4.99
N ASN A 302 16.94 -10.11 4.90
CA ASN A 302 15.74 -10.60 5.55
C ASN A 302 16.00 -10.69 7.06
N LEU A 303 15.09 -10.10 7.84
CA LEU A 303 15.24 -9.97 9.27
C LEU A 303 14.39 -11.01 9.99
N PHE A 304 13.19 -11.27 9.46
CA PHE A 304 12.17 -11.99 10.18
C PHE A 304 11.14 -12.52 9.18
N VAL A 305 10.64 -13.73 9.48
CA VAL A 305 9.50 -14.31 8.79
C VAL A 305 8.58 -14.92 9.83
N ASN A 306 7.29 -14.60 9.75
CA ASN A 306 6.32 -15.21 10.65
C ASN A 306 4.93 -15.05 10.05
N ARG A 307 3.92 -15.44 10.81
CA ARG A 307 2.55 -15.31 10.35
C ARG A 307 1.73 -14.62 11.45
N ILE A 308 0.95 -13.61 11.05
CA ILE A 308 0.17 -12.82 12.01
C ILE A 308 -1.32 -13.16 11.96
N THR A 309 -1.77 -13.91 10.94
CA THR A 309 -3.17 -14.30 10.87
C THR A 309 -3.26 -15.58 10.05
N ALA A 310 -4.27 -16.40 10.38
CA ALA A 310 -4.58 -17.58 9.60
C ALA A 310 -5.71 -17.26 8.63
N GLU A 311 -6.48 -16.22 8.93
CA GLU A 311 -7.44 -15.66 8.01
C GLU A 311 -6.76 -14.78 6.96
N SER A 312 -7.20 -14.89 5.70
CA SER A 312 -6.56 -14.17 4.61
C SER A 312 -6.65 -12.68 4.82
N VAL A 313 -5.63 -11.94 4.36
CA VAL A 313 -5.59 -10.49 4.38
C VAL A 313 -6.13 -9.99 3.05
N PHE A 314 -6.94 -8.91 3.06
CA PHE A 314 -7.48 -8.42 1.78
C PHE A 314 -7.09 -6.98 1.50
N THR A 315 -6.65 -6.22 2.50
CA THR A 315 -6.25 -4.84 2.30
C THR A 315 -5.26 -4.48 3.40
N ALA A 316 -4.38 -3.49 3.14
CA ALA A 316 -3.36 -3.06 4.06
C ALA A 316 -3.06 -1.58 3.86
N ALA A 317 -2.32 -0.99 4.80
CA ALA A 317 -2.03 0.44 4.84
C ALA A 317 -0.80 0.69 5.69
N PRO A 318 -0.20 1.89 5.62
CA PRO A 318 0.84 2.28 6.57
C PRO A 318 0.24 2.45 7.98
N TYR A 319 1.08 2.18 8.98
CA TYR A 319 0.66 2.30 10.37
C TYR A 319 1.63 3.19 11.14
N ASN A 320 1.08 4.00 12.07
CA ASN A 320 1.85 4.73 13.07
C ASN A 320 2.88 5.67 12.46
N HIS A 321 2.38 6.72 11.80
CA HIS A 321 3.21 7.71 11.13
C HIS A 321 4.10 7.03 10.10
N GLU A 322 3.53 6.02 9.41
CA GLU A 322 4.21 5.31 8.33
C GLU A 322 5.46 4.59 8.84
N ASN A 323 5.52 4.20 10.13
CA ASN A 323 6.67 3.42 10.60
C ASN A 323 6.37 1.91 10.68
N GLY A 324 5.14 1.51 10.32
CA GLY A 324 4.73 0.11 10.33
C GLY A 324 3.71 -0.21 9.24
N ILE A 325 3.08 -1.37 9.38
CA ILE A 325 2.06 -1.84 8.48
C ILE A 325 0.81 -2.26 9.24
N ALA A 326 -0.38 -1.94 8.68
CA ALA A 326 -1.64 -2.42 9.21
C ALA A 326 -2.39 -3.17 8.11
N CYS A 327 -3.25 -4.09 8.52
CA CYS A 327 -4.00 -4.88 7.55
C CYS A 327 -5.35 -5.29 8.10
N ILE A 328 -6.23 -5.72 7.20
CA ILE A 328 -7.52 -6.21 7.60
C ILE A 328 -7.65 -7.61 7.04
N ASN A 329 -8.05 -8.57 7.90
CA ASN A 329 -8.24 -9.95 7.53
C ASN A 329 -9.71 -10.26 7.30
N LYS A 330 -10.00 -11.49 6.87
CA LYS A 330 -11.34 -11.87 6.45
C LYS A 330 -12.32 -11.98 7.62
N LYS A 331 -11.77 -12.04 8.83
CA LYS A 331 -12.62 -12.10 10.02
C LYS A 331 -12.93 -10.70 10.53
N GLY A 332 -12.36 -9.68 9.90
CA GLY A 332 -12.60 -8.28 10.21
C GLY A 332 -11.70 -7.74 11.32
N GLN A 333 -10.57 -8.39 11.61
CA GLN A 333 -9.58 -7.80 12.51
C GLN A 333 -8.67 -6.83 11.76
N VAL A 334 -8.43 -5.67 12.36
CA VAL A 334 -7.44 -4.72 11.85
C VAL A 334 -6.19 -4.91 12.71
N LEU A 335 -5.18 -5.47 12.06
CA LEU A 335 -3.96 -5.95 12.71
C LEU A 335 -2.82 -5.02 12.32
N ALA A 336 -1.84 -4.89 13.22
CA ALA A 336 -0.75 -3.96 13.01
C ALA A 336 0.55 -4.56 13.51
N VAL A 337 1.60 -4.26 12.76
CA VAL A 337 2.97 -4.64 13.01
C VAL A 337 3.88 -3.42 12.86
N GLU A 338 4.78 -3.24 13.85
CA GLU A 338 5.92 -2.39 13.65
C GLU A 338 7.11 -2.98 14.45
N ILE A 339 8.31 -2.59 14.07
CA ILE A 339 9.48 -3.05 14.81
C ILE A 339 9.39 -2.60 16.26
N SER A 340 9.95 -3.41 17.17
CA SER A 340 10.17 -3.01 18.54
C SER A 340 11.49 -2.23 18.61
N THR A 341 11.41 -0.93 18.93
CA THR A 341 12.60 -0.07 19.00
C THR A 341 13.60 -0.62 20.03
N SER A 342 13.14 -1.30 21.08
CA SER A 342 14.05 -1.75 22.10
C SER A 342 14.62 -3.14 21.81
N GLN A 343 14.02 -3.93 20.90
CA GLN A 343 14.38 -5.34 20.78
C GLN A 343 15.02 -5.67 19.44
N ILE A 344 14.89 -4.76 18.45
CA ILE A 344 15.34 -5.05 17.10
C ILE A 344 16.86 -5.17 17.03
N VAL A 345 17.63 -4.32 17.72
CA VAL A 345 19.09 -4.42 17.63
C VAL A 345 19.61 -5.68 18.32
N PRO A 346 19.25 -5.97 19.59
CA PRO A 346 19.66 -7.24 20.19
C PRO A 346 19.31 -8.43 19.30
N TYR A 347 18.12 -8.40 18.70
CA TYR A 347 17.67 -9.49 17.83
C TYR A 347 18.65 -9.71 16.68
N ILE A 348 19.01 -8.62 16.00
CA ILE A 348 19.91 -8.72 14.86
C ILE A 348 21.29 -9.21 15.33
N LEU A 349 21.80 -8.61 16.42
CA LEU A 349 23.10 -8.97 16.94
C LEU A 349 23.18 -10.45 17.34
N ASN A 350 22.15 -10.94 18.04
CA ASN A 350 22.26 -12.19 18.77
C ASN A 350 21.47 -13.34 18.14
N LYS A 351 20.36 -13.06 17.49
CA LYS A 351 19.56 -14.08 16.85
C LYS A 351 20.00 -14.25 15.40
N LEU A 352 20.26 -13.13 14.71
CA LEU A 352 20.73 -13.19 13.33
C LEU A 352 22.24 -13.31 13.29
N SER A 353 22.90 -13.15 14.44
CA SER A 353 24.34 -13.36 14.54
C SER A 353 25.07 -12.39 13.60
N ASN A 354 24.60 -11.13 13.52
CA ASN A 354 25.06 -10.22 12.47
C ASN A 354 25.43 -8.84 13.04
N VAL A 355 26.71 -8.67 13.40
CA VAL A 355 27.17 -7.45 14.06
C VAL A 355 27.02 -6.26 13.10
N ALA A 356 27.47 -6.43 11.86
CA ALA A 356 27.50 -5.30 10.93
C ALA A 356 26.10 -4.76 10.69
N LEU A 357 25.11 -5.66 10.52
CA LEU A 357 23.77 -5.21 10.24
C LEU A 357 23.18 -4.51 11.48
N ALA A 358 23.49 -5.04 12.66
CA ALA A 358 22.95 -4.49 13.90
C ALA A 358 23.41 -3.04 14.04
N LEU A 359 24.67 -2.78 13.68
CA LEU A 359 25.25 -1.45 13.76
C LEU A 359 24.62 -0.54 12.71
N ILE A 360 24.37 -1.07 11.50
CA ILE A 360 23.68 -0.30 10.47
C ILE A 360 22.34 0.19 11.01
N VAL A 361 21.55 -0.75 11.54
CA VAL A 361 20.20 -0.44 11.96
C VAL A 361 20.21 0.48 13.18
N ALA A 362 21.05 0.15 14.17
CA ALA A 362 21.22 0.97 15.37
C ALA A 362 21.56 2.42 14.99
N THR A 363 22.53 2.57 14.08
CA THR A 363 22.99 3.89 13.68
C THR A 363 21.87 4.66 12.99
N ARG A 364 21.23 4.07 11.99
CA ARG A 364 20.20 4.77 11.23
C ARG A 364 19.06 5.22 12.13
N GLY A 365 18.68 4.38 13.10
CA GLY A 365 17.48 4.60 13.88
C GLY A 365 17.72 5.27 15.23
N GLY A 366 18.98 5.43 15.65
CA GLY A 366 19.24 5.92 17.00
C GLY A 366 18.69 4.95 18.05
N LEU A 367 18.82 3.65 17.80
CA LEU A 367 18.18 2.66 18.63
C LEU A 367 19.15 2.12 19.66
N PRO A 368 18.67 1.61 20.81
CA PRO A 368 19.55 0.96 21.79
C PRO A 368 19.97 -0.45 21.37
N GLY A 369 21.04 -0.92 22.02
CA GLY A 369 21.41 -2.32 22.03
C GLY A 369 22.82 -2.55 21.49
N ALA A 370 23.40 -1.49 20.88
CA ALA A 370 24.70 -1.58 20.26
C ALA A 370 25.77 -0.83 21.06
N ASP A 371 25.45 -0.39 22.30
CA ASP A 371 26.30 0.58 23.00
C ASP A 371 27.49 -0.09 23.70
N ASP A 372 27.53 -1.42 23.74
CA ASP A 372 28.68 -2.14 24.28
C ASP A 372 29.56 -2.72 23.16
N LEU A 373 29.37 -2.26 21.91
CA LEU A 373 30.17 -2.71 20.78
C LEU A 373 31.31 -1.70 20.52
N TYR B 2 10.63 0.01 -23.47
CA TYR B 2 11.73 0.88 -22.98
C TYR B 2 12.25 0.30 -21.66
N THR B 3 13.56 0.43 -21.42
CA THR B 3 14.16 0.01 -20.16
C THR B 3 14.51 1.27 -19.37
N LEU B 4 13.63 1.67 -18.44
CA LEU B 4 13.92 2.73 -17.50
C LEU B 4 14.98 2.29 -16.52
N ILE B 5 14.75 1.12 -15.89
CA ILE B 5 15.67 0.65 -14.86
C ILE B 5 15.84 -0.87 -15.00
N ASP B 6 16.82 -1.38 -14.27
CA ASP B 6 17.22 -2.77 -14.43
C ASP B 6 16.37 -3.67 -13.54
N LEU B 7 15.12 -3.91 -13.95
CA LEU B 7 14.19 -4.88 -13.39
C LEU B 7 13.52 -5.71 -14.51
N GLY C 1 -28.08 19.54 -7.44
CA GLY C 1 -28.88 18.88 -6.38
C GLY C 1 -28.24 17.56 -5.94
N TYR C 2 -28.19 16.59 -6.87
CA TYR C 2 -27.90 15.19 -6.60
C TYR C 2 -26.57 15.04 -5.83
N THR C 3 -26.60 14.21 -4.76
CA THR C 3 -25.40 13.82 -4.04
C THR C 3 -25.30 12.30 -3.98
N LEU C 4 -24.07 11.78 -4.15
CA LEU C 4 -23.80 10.36 -4.02
C LEU C 4 -23.75 9.89 -2.56
N ILE C 5 -23.75 10.83 -1.61
CA ILE C 5 -23.80 10.46 -0.20
C ILE C 5 -24.62 11.52 0.52
N ASP C 6 -25.39 11.05 1.49
CA ASP C 6 -26.38 11.87 2.18
C ASP C 6 -25.81 12.29 3.54
N LEU C 7 -25.26 13.50 3.57
CA LEU C 7 -24.58 14.03 4.75
C LEU C 7 -25.57 14.85 5.60
N GLY D 1 -17.30 -10.77 -2.26
CA GLY D 1 -16.02 -10.34 -2.89
C GLY D 1 -15.64 -11.24 -4.06
N TYR D 2 -15.74 -10.69 -5.27
CA TYR D 2 -15.47 -11.41 -6.49
C TYR D 2 -14.27 -10.72 -7.15
N THR D 3 -13.13 -10.73 -6.45
CA THR D 3 -11.87 -10.37 -7.05
C THR D 3 -10.90 -11.48 -6.69
N LEU D 4 -9.84 -11.62 -7.46
CA LEU D 4 -8.74 -12.52 -7.13
C LEU D 4 -8.19 -12.23 -5.75
N ILE D 5 -8.13 -10.95 -5.30
CA ILE D 5 -7.61 -10.73 -3.96
C ILE D 5 -8.49 -11.43 -2.94
N ASP D 6 -9.79 -11.44 -3.19
CA ASP D 6 -10.73 -11.90 -2.20
C ASP D 6 -10.85 -13.42 -2.20
N LEU D 7 -10.36 -14.11 -3.25
CA LEU D 7 -10.68 -15.48 -3.53
C LEU D 7 -10.23 -16.42 -2.38
#